data_6QZS
#
_entry.id   6QZS
#
_cell.length_a   63.429
_cell.length_b   104.619
_cell.length_c   156.866
_cell.angle_alpha   90.000
_cell.angle_beta   90.000
_cell.angle_gamma   90.000
#
_symmetry.space_group_name_H-M   'P 21 21 21'
#
loop_
_entity.id
_entity.type
_entity.pdbx_description
1 polymer '14-3-3 protein sigma'
2 polymer 'FOXO1 pS256 site'
3 non-polymer GLYCEROL
4 non-polymer 2-[3-(2-HYDROXY-1,1-DIHYDROXYMETHYL-ETHYLAMINO)-PROPYLAMINO]-2-HYDROXYMETHYL-PROPANE-1,3-DIOL
5 water water
#
loop_
_entity_poly.entity_id
_entity_poly.type
_entity_poly.pdbx_seq_one_letter_code
_entity_poly.pdbx_strand_id
1 'polypeptide(L)'
;GAMGSMERASLIQKAKLAEQAERYEDMAAFMKGAVEKGEELS(CSO)EERNLLSVAYKNVVGGQRAAWRVLSSIEQKSNE
EGSEEKGPEVREYREKVETELQGVCDTVLGLLDSHLIKEAGDAESRVFYLKMKGDYYRYLAEVATGDDKKRIIDSARSAY
QEAMDISKKEMPPTNPIRLGLALNFSVFHYEIANSPEEAISLAKTTFDEAMADLHTLSEDSYKDSTLIMQLLRDNLTLWT
ADNAGEEGGEAPQEPQS
;
A,B
2 'polypeptide(L)' RRRAA(SEP)MDNNSK P,C
#
loop_
_chem_comp.id
_chem_comp.type
_chem_comp.name
_chem_comp.formula
B3P non-polymer 2-[3-(2-HYDROXY-1,1-DIHYDROXYMETHYL-ETHYLAMINO)-PROPYLAMINO]-2-HYDROXYMETHYL-PROPANE-1,3-DIOL 'C11 H26 N2 O6'
GOL non-polymer GLYCEROL 'C3 H8 O3'
#
# COMPACT_ATOMS: atom_id res chain seq x y z
N GLY A 1 16.46 -6.82 12.14
CA GLY A 1 16.35 -5.37 12.49
C GLY A 1 17.18 -5.09 13.72
N ALA A 2 17.03 -3.89 14.26
CA ALA A 2 17.88 -3.44 15.32
C ALA A 2 17.72 -4.29 16.60
N MET A 3 16.61 -5.06 16.73
CA MET A 3 16.24 -5.82 17.95
C MET A 3 16.51 -7.30 17.74
N GLY A 4 17.09 -7.65 16.59
CA GLY A 4 17.29 -9.07 16.19
C GLY A 4 18.16 -9.87 17.16
N SER A 5 19.14 -9.24 17.79
CA SER A 5 20.05 -9.97 18.67
C SER A 5 19.53 -10.05 20.11
N MET A 6 18.39 -9.41 20.43
CA MET A 6 17.87 -9.41 21.78
C MET A 6 16.82 -10.52 21.96
N GLU A 7 16.85 -11.17 23.13
CA GLU A 7 15.87 -12.24 23.49
C GLU A 7 14.44 -11.66 23.58
N ARG A 8 13.46 -12.42 23.12
CA ARG A 8 12.08 -12.01 23.16
C ARG A 8 11.72 -11.55 24.58
N ALA A 9 12.10 -12.32 25.60
CA ALA A 9 11.65 -11.99 26.97
C ALA A 9 12.24 -10.65 27.43
N SER A 10 13.47 -10.37 27.00
CA SER A 10 14.16 -9.13 27.33
C SER A 10 13.48 -7.95 26.62
N LEU A 11 12.99 -8.17 25.39
CA LEU A 11 12.29 -7.08 24.64
C LEU A 11 10.99 -6.68 25.36
N ILE A 12 10.22 -7.70 25.78
CA ILE A 12 8.99 -7.47 26.55
C ILE A 12 9.31 -6.75 27.86
N GLN A 13 10.36 -7.18 28.57
CA GLN A 13 10.68 -6.51 29.80
C GLN A 13 11.05 -5.05 29.53
N LYS A 14 11.82 -4.79 28.46
CA LYS A 14 12.24 -3.37 28.23
C LYS A 14 11.04 -2.53 27.78
N ALA A 15 10.09 -3.15 27.04
CA ALA A 15 8.83 -2.51 26.67
C ALA A 15 8.14 -2.00 27.93
N LYS A 16 8.11 -2.85 28.98
CA LYS A 16 7.45 -2.41 30.23
C LYS A 16 8.26 -1.35 30.97
N LEU A 17 9.59 -1.40 30.92
CA LEU A 17 10.39 -0.29 31.46
C LEU A 17 10.13 1.00 30.67
N ALA A 18 10.08 0.91 29.34
CA ALA A 18 9.87 2.11 28.54
C ALA A 18 8.52 2.78 28.89
N GLU A 19 7.48 1.96 29.04
CA GLU A 19 6.19 2.41 29.47
C GLU A 19 6.25 3.14 30.84
N GLN A 20 6.94 2.59 31.83
CA GLN A 20 7.06 3.22 33.12
C GLN A 20 7.80 4.54 32.98
N ALA A 21 8.75 4.62 32.04
CA ALA A 21 9.53 5.88 31.87
C ALA A 21 8.85 6.85 30.90
N GLU A 22 7.70 6.45 30.36
CA GLU A 22 6.90 7.22 29.38
C GLU A 22 7.72 7.44 28.11
N ARG A 23 8.42 6.40 27.66
CA ARG A 23 9.22 6.48 26.43
C ARG A 23 8.56 5.60 25.37
N TYR A 24 7.52 6.16 24.74
CA TYR A 24 6.60 5.34 23.94
C TYR A 24 7.22 4.94 22.61
N GLU A 25 8.08 5.77 22.04
CA GLU A 25 8.83 5.39 20.79
C GLU A 25 9.69 4.16 21.08
N ASP A 26 10.45 4.20 22.19
CA ASP A 26 11.23 3.01 22.59
C ASP A 26 10.32 1.82 22.84
N MET A 27 9.21 2.03 23.55
CA MET A 27 8.29 0.93 23.89
C MET A 27 7.80 0.27 22.61
N ALA A 28 7.43 1.08 21.60
CA ALA A 28 6.94 0.55 20.32
C ALA A 28 8.03 -0.22 19.58
N ALA A 29 9.24 0.31 19.60
CA ALA A 29 10.36 -0.42 18.95
C ALA A 29 10.67 -1.75 19.65
N PHE A 30 10.56 -1.82 20.99
CA PHE A 30 10.84 -3.09 21.70
C PHE A 30 9.74 -4.08 21.32
N MET A 31 8.48 -3.61 21.28
CA MET A 31 7.32 -4.50 20.93
C MET A 31 7.38 -4.97 19.48
N LYS A 32 7.84 -4.12 18.56
CA LYS A 32 8.01 -4.56 17.19
C LYS A 32 9.05 -5.67 17.10
N GLY A 33 10.16 -5.48 17.82
CA GLY A 33 11.17 -6.55 17.89
C GLY A 33 10.57 -7.83 18.42
N ALA A 34 9.77 -7.74 19.50
CA ALA A 34 9.11 -8.95 20.03
C ALA A 34 8.24 -9.60 18.96
N VAL A 35 7.42 -8.78 18.27
CA VAL A 35 6.52 -9.31 17.24
C VAL A 35 7.34 -10.03 16.16
N GLU A 36 8.47 -9.46 15.77
CA GLU A 36 9.31 -10.03 14.69
C GLU A 36 9.95 -11.37 15.10
N LYS A 37 9.87 -11.79 16.37
CA LYS A 37 10.32 -13.12 16.73
C LYS A 37 9.42 -14.20 16.15
N GLY A 38 8.19 -13.84 15.73
CA GLY A 38 7.31 -14.76 14.99
C GLY A 38 6.36 -15.54 15.91
N GLU A 39 6.39 -15.32 17.21
CA GLU A 39 5.50 -16.04 18.07
C GLU A 39 4.26 -15.16 18.30
N GLU A 40 3.13 -15.78 18.61
CA GLU A 40 1.95 -15.00 18.84
C GLU A 40 2.09 -14.20 20.15
N LEU A 41 1.33 -13.12 20.27
CA LEU A 41 1.32 -12.36 21.44
C LEU A 41 0.17 -12.82 22.35
N SER A 42 0.47 -12.83 23.63
CA SER A 42 -0.50 -12.91 24.69
C SER A 42 -1.37 -11.66 24.71
N CSO A 43 -2.46 -11.74 25.47
CA CSO A 43 -3.35 -10.63 25.63
CB CSO A 43 -4.59 -11.16 26.38
SG CSO A 43 -5.66 -9.74 26.57
C CSO A 43 -2.66 -9.43 26.28
O CSO A 43 -2.86 -8.25 25.92
OD CSO A 43 -5.14 -9.07 28.14
N GLU A 44 -1.79 -9.71 27.23
CA GLU A 44 -1.05 -8.64 27.86
C GLU A 44 -0.06 -8.01 26.85
N GLU A 45 0.56 -8.81 25.99
CA GLU A 45 1.58 -8.33 25.03
C GLU A 45 0.90 -7.49 23.90
N ARG A 46 -0.24 -7.95 23.37
CA ARG A 46 -1.04 -7.19 22.39
C ARG A 46 -1.33 -5.81 22.95
N ASN A 47 -1.71 -5.76 24.22
CA ASN A 47 -2.08 -4.47 24.83
C ASN A 47 -0.85 -3.57 24.95
N LEU A 48 0.35 -4.12 25.19
CA LEU A 48 1.60 -3.31 25.20
C LEU A 48 1.85 -2.77 23.79
N LEU A 49 1.71 -3.60 22.77
CA LEU A 49 1.91 -3.18 21.37
C LEU A 49 1.00 -2.00 21.05
N SER A 50 -0.27 -2.20 21.38
CA SER A 50 -1.32 -1.22 21.11
C SER A 50 -1.09 0.12 21.83
N VAL A 51 -0.79 0.09 23.12
CA VAL A 51 -0.54 1.28 23.93
C VAL A 51 0.68 2.07 23.40
N ALA A 52 1.74 1.35 23.04
CA ALA A 52 2.96 1.96 22.57
C ALA A 52 2.64 2.74 21.29
N TYR A 53 2.08 2.07 20.28
CA TYR A 53 1.86 2.71 18.96
C TYR A 53 0.77 3.78 19.04
N LYS A 54 -0.23 3.55 19.90
CA LYS A 54 -1.30 4.46 20.02
C LYS A 54 -0.79 5.77 20.61
N ASN A 55 0.11 5.72 21.58
CA ASN A 55 0.73 6.93 22.15
C ASN A 55 1.60 7.67 21.13
N VAL A 56 2.36 6.93 20.32
CA VAL A 56 3.22 7.57 19.33
C VAL A 56 2.34 8.26 18.26
N VAL A 57 1.41 7.52 17.63
CA VAL A 57 0.57 8.11 16.57
C VAL A 57 -0.38 9.17 17.13
N GLY A 58 -0.80 9.03 18.40
CA GLY A 58 -1.68 10.00 19.07
C GLY A 58 -1.02 11.34 19.20
N GLY A 59 0.25 11.36 19.59
CA GLY A 59 1.07 12.59 19.60
C GLY A 59 1.19 13.22 18.21
N GLN A 60 1.36 12.39 17.18
CA GLN A 60 1.49 12.97 15.82
C GLN A 60 0.15 13.54 15.31
N ARG A 61 -0.95 12.83 15.56
CA ARG A 61 -2.32 13.28 15.15
C ARG A 61 -2.61 14.63 15.82
N ALA A 62 -2.28 14.75 17.09
CA ALA A 62 -2.52 15.99 17.85
C ALA A 62 -1.73 17.16 17.24
N ALA A 63 -0.45 16.93 16.97
CA ALA A 63 0.41 17.92 16.34
C ALA A 63 -0.14 18.28 14.95
N TRP A 64 -0.56 17.29 14.18
CA TRP A 64 -1.03 17.54 12.84
C TRP A 64 -2.29 18.42 12.89
N ARG A 65 -3.16 18.18 13.86
CA ARG A 65 -4.41 18.96 13.99
C ARG A 65 -4.09 20.40 14.42
N VAL A 66 -3.19 20.60 15.39
CA VAL A 66 -2.69 21.94 15.71
C VAL A 66 -2.22 22.64 14.43
N LEU A 67 -1.32 22.01 13.67
CA LEU A 67 -0.71 22.67 12.49
C LEU A 67 -1.75 22.91 11.38
N SER A 68 -2.64 21.94 11.12
N SER A 68 -2.61 21.92 11.11
CA SER A 68 -3.63 22.04 10.06
CA SER A 68 -3.66 22.02 10.10
C SER A 68 -4.62 23.18 10.36
C SER A 68 -4.53 23.24 10.37
N SER A 69 -4.86 23.44 11.64
CA SER A 69 -5.71 24.49 12.05
C SER A 69 -5.04 25.83 11.78
N ILE A 70 -3.76 25.98 12.17
CA ILE A 70 -3.02 27.22 11.94
C ILE A 70 -2.95 27.51 10.44
N GLU A 71 -2.80 26.45 9.64
CA GLU A 71 -2.66 26.49 8.19
C GLU A 71 -3.97 27.01 7.59
N GLN A 72 -5.10 26.69 8.20
CA GLN A 72 -6.38 27.03 7.60
C GLN A 72 -6.78 28.46 7.99
N LYS A 73 -6.49 28.90 9.21
CA LYS A 73 -6.56 30.33 9.56
C LYS A 73 -5.82 31.16 8.50
N SER A 74 -4.52 30.90 8.33
CA SER A 74 -3.69 31.72 7.43
C SER A 74 -3.90 31.37 5.94
N ASN A 75 -5.05 30.77 5.59
CA ASN A 75 -5.57 30.65 4.21
C ASN A 75 -7.01 31.18 4.11
N GLU A 76 -7.29 32.32 4.76
CA GLU A 76 -8.64 32.92 4.77
C GLU A 76 -8.51 34.45 4.85
N LYS A 82 1.65 35.44 4.06
CA LYS A 82 1.53 34.08 4.53
C LYS A 82 2.93 33.43 4.67
N GLY A 83 3.46 32.82 3.60
CA GLY A 83 4.72 32.02 3.66
C GLY A 83 4.47 30.52 3.65
N PRO A 84 5.36 29.71 3.07
CA PRO A 84 5.13 28.27 2.97
C PRO A 84 5.39 27.45 4.25
N GLU A 85 5.78 28.11 5.35
CA GLU A 85 6.43 27.35 6.48
C GLU A 85 5.43 26.46 7.21
N VAL A 86 4.22 26.96 7.45
CA VAL A 86 3.23 26.22 8.18
C VAL A 86 2.89 24.98 7.37
N ARG A 87 2.68 25.13 6.07
CA ARG A 87 2.34 23.93 5.24
C ARG A 87 3.52 22.94 5.24
N GLU A 88 4.76 23.43 5.13
CA GLU A 88 5.93 22.58 5.03
C GLU A 88 6.06 21.73 6.31
N TYR A 89 5.86 22.37 7.46
CA TYR A 89 6.00 21.70 8.72
C TYR A 89 4.84 20.72 8.94
N ARG A 90 3.63 21.08 8.47
CA ARG A 90 2.48 20.18 8.49
C ARG A 90 2.78 18.92 7.66
N GLU A 91 3.31 19.09 6.46
CA GLU A 91 3.67 17.96 5.58
C GLU A 91 4.73 17.08 6.24
N LYS A 92 5.66 17.70 6.95
CA LYS A 92 6.72 16.93 7.61
C LYS A 92 6.12 16.03 8.69
N VAL A 93 5.24 16.59 9.53
CA VAL A 93 4.56 15.79 10.62
C VAL A 93 3.70 14.73 9.98
N GLU A 94 3.02 15.10 8.90
CA GLU A 94 2.13 14.15 8.23
C GLU A 94 2.92 12.93 7.71
N THR A 95 4.10 13.19 7.16
CA THR A 95 4.91 12.12 6.61
C THR A 95 5.39 11.18 7.74
N GLU A 96 5.77 11.73 8.89
CA GLU A 96 6.14 10.91 10.05
C GLU A 96 4.97 10.04 10.51
N LEU A 97 3.77 10.62 10.56
CA LEU A 97 2.56 9.88 11.01
C LEU A 97 2.30 8.76 10.03
N GLN A 98 2.43 9.06 8.73
CA GLN A 98 2.21 8.00 7.73
C GLN A 98 3.19 6.84 7.92
N GLY A 99 4.46 7.19 8.19
CA GLY A 99 5.53 6.19 8.45
C GLY A 99 5.21 5.25 9.61
N VAL A 100 4.65 5.82 10.69
CA VAL A 100 4.24 5.02 11.82
C VAL A 100 3.06 4.09 11.46
N CYS A 101 2.05 4.61 10.80
CA CYS A 101 0.93 3.83 10.43
C CYS A 101 1.39 2.72 9.49
N ASP A 102 2.25 3.04 8.49
CA ASP A 102 2.76 1.99 7.58
C ASP A 102 3.50 0.90 8.37
N THR A 103 4.23 1.32 9.41
CA THR A 103 4.91 0.29 10.27
C THR A 103 3.89 -0.65 10.94
N VAL A 104 2.85 -0.07 11.56
CA VAL A 104 1.91 -0.85 12.29
C VAL A 104 1.19 -1.76 11.33
N LEU A 105 0.72 -1.20 10.20
CA LEU A 105 -0.04 -2.04 9.24
C LEU A 105 0.82 -3.16 8.65
N GLY A 106 2.12 -2.86 8.48
CA GLY A 106 3.12 -3.87 8.09
C GLY A 106 3.22 -5.02 9.07
N LEU A 107 3.30 -4.71 10.36
CA LEU A 107 3.36 -5.75 11.36
C LEU A 107 2.07 -6.60 11.38
N LEU A 108 0.91 -5.93 11.31
CA LEU A 108 -0.38 -6.64 11.33
C LEU A 108 -0.44 -7.62 10.17
N ASP A 109 -0.10 -7.15 8.96
CA ASP A 109 -0.20 -8.04 7.74
C ASP A 109 0.91 -9.10 7.75
N SER A 110 2.13 -8.73 8.11
CA SER A 110 3.23 -9.70 7.99
C SER A 110 3.19 -10.72 9.13
N HIS A 111 2.68 -10.39 10.33
CA HIS A 111 2.95 -11.23 11.52
C HIS A 111 1.70 -11.58 12.34
N LEU A 112 0.77 -10.65 12.50
CA LEU A 112 -0.22 -10.79 13.58
C LEU A 112 -1.60 -11.23 13.08
N ILE A 113 -2.04 -10.75 11.91
CA ILE A 113 -3.33 -11.17 11.37
C ILE A 113 -3.19 -12.56 10.78
N LYS A 114 -3.96 -13.50 11.35
CA LYS A 114 -3.95 -14.92 11.04
C LYS A 114 -5.39 -15.43 11.05
N GLU A 115 -5.62 -16.55 10.34
CA GLU A 115 -6.88 -17.32 10.32
C GLU A 115 -7.13 -18.06 11.64
N ALA A 116 -6.05 -18.48 12.30
CA ALA A 116 -6.09 -19.14 13.57
C ALA A 116 -6.18 -18.12 14.71
N GLY A 117 -6.36 -18.66 15.91
CA GLY A 117 -6.36 -17.90 17.13
C GLY A 117 -7.79 -17.69 17.58
N ASP A 118 -7.96 -17.36 18.85
CA ASP A 118 -9.28 -17.12 19.34
C ASP A 118 -9.88 -15.88 18.65
N ALA A 119 -11.16 -15.66 18.92
CA ALA A 119 -11.90 -14.62 18.29
C ALA A 119 -11.40 -13.29 18.83
N GLU A 120 -11.11 -13.21 20.13
CA GLU A 120 -10.69 -11.95 20.75
C GLU A 120 -9.45 -11.41 20.03
N SER A 121 -8.51 -12.28 19.65
CA SER A 121 -7.24 -11.85 19.08
C SER A 121 -7.46 -11.46 17.61
N ARG A 122 -8.22 -12.25 16.86
CA ARG A 122 -8.45 -11.95 15.48
C ARG A 122 -9.16 -10.59 15.33
N VAL A 123 -10.12 -10.31 16.22
CA VAL A 123 -10.91 -9.11 16.16
C VAL A 123 -10.03 -7.94 16.58
N PHE A 124 -9.21 -8.18 17.61
CA PHE A 124 -8.32 -7.16 18.15
C PHE A 124 -7.42 -6.62 17.03
N TYR A 125 -6.83 -7.51 16.22
CA TYR A 125 -5.88 -7.09 15.19
C TYR A 125 -6.58 -6.48 13.95
N LEU A 126 -7.71 -7.03 13.52
CA LEU A 126 -8.51 -6.45 12.44
C LEU A 126 -9.08 -5.08 12.80
N LYS A 127 -9.50 -4.89 14.05
CA LYS A 127 -9.88 -3.57 14.52
C LYS A 127 -8.71 -2.57 14.43
N MET A 128 -7.53 -2.99 14.87
CA MET A 128 -6.31 -2.19 14.82
C MET A 128 -5.96 -1.79 13.38
N LYS A 129 -6.08 -2.72 12.46
CA LYS A 129 -5.93 -2.41 11.05
C LYS A 129 -6.92 -1.37 10.53
N GLY A 130 -8.20 -1.53 10.86
CA GLY A 130 -9.17 -0.49 10.54
C GLY A 130 -8.76 0.85 11.13
N ASP A 131 -8.35 0.82 12.39
CA ASP A 131 -7.95 2.09 13.08
C ASP A 131 -6.73 2.81 12.40
N TYR A 132 -5.70 2.05 12.01
CA TYR A 132 -4.45 2.67 11.46
C TYR A 132 -4.76 3.13 10.01
N TYR A 133 -5.59 2.40 9.26
CA TYR A 133 -6.08 2.96 7.98
C TYR A 133 -6.94 4.22 8.18
N ARG A 134 -7.72 4.26 9.26
CA ARG A 134 -8.50 5.49 9.52
C ARG A 134 -7.55 6.66 9.77
N TYR A 135 -6.48 6.43 10.52
CA TYR A 135 -5.54 7.56 10.84
C TYR A 135 -4.85 8.04 9.56
N LEU A 136 -4.52 7.13 8.64
CA LEU A 136 -4.02 7.50 7.28
C LEU A 136 -5.09 8.30 6.54
N ALA A 137 -6.36 7.83 6.58
CA ALA A 137 -7.53 8.51 5.90
C ALA A 137 -7.72 9.93 6.39
N GLU A 138 -7.45 10.23 7.66
CA GLU A 138 -7.56 11.62 8.18
C GLU A 138 -6.61 12.60 7.46
N VAL A 139 -5.49 12.13 6.87
CA VAL A 139 -4.53 13.05 6.29
C VAL A 139 -4.47 12.84 4.76
N ALA A 140 -5.15 11.82 4.22
CA ALA A 140 -4.98 11.47 2.84
C ALA A 140 -5.88 12.38 1.96
N THR A 141 -5.60 12.41 0.64
CA THR A 141 -6.46 13.10 -0.37
C THR A 141 -6.64 12.21 -1.60
N GLY A 142 -7.65 12.50 -2.41
CA GLY A 142 -7.66 12.06 -3.77
C GLY A 142 -7.94 10.59 -3.90
N ASP A 143 -7.30 9.97 -4.90
CA ASP A 143 -7.54 8.54 -5.12
C ASP A 143 -6.92 7.69 -3.99
N ASP A 144 -5.83 8.18 -3.41
CA ASP A 144 -5.19 7.55 -2.27
C ASP A 144 -6.23 7.41 -1.13
N LYS A 145 -6.90 8.50 -0.77
CA LYS A 145 -7.90 8.48 0.30
C LYS A 145 -9.03 7.48 0.01
N LYS A 146 -9.48 7.44 -1.23
CA LYS A 146 -10.53 6.50 -1.53
C LYS A 146 -10.05 5.09 -1.30
N ARG A 147 -8.82 4.76 -1.70
CA ARG A 147 -8.30 3.34 -1.52
C ARG A 147 -8.22 3.02 -0.02
N ILE A 148 -7.73 3.99 0.76
CA ILE A 148 -7.53 3.84 2.21
C ILE A 148 -8.89 3.62 2.89
N ILE A 149 -9.91 4.37 2.47
CA ILE A 149 -11.27 4.25 3.05
C ILE A 149 -11.81 2.84 2.78
N ASP A 150 -11.66 2.34 1.56
CA ASP A 150 -12.08 0.90 1.29
C ASP A 150 -11.32 -0.09 2.18
N SER A 151 -10.00 0.14 2.39
CA SER A 151 -9.16 -0.80 3.20
C SER A 151 -9.67 -0.81 4.67
N ALA A 152 -9.92 0.38 5.21
CA ALA A 152 -10.40 0.54 6.58
C ALA A 152 -11.76 -0.16 6.75
N ARG A 153 -12.67 0.10 5.83
CA ARG A 153 -14.04 -0.42 5.89
C ARG A 153 -13.99 -1.94 5.93
N SER A 154 -13.16 -2.45 5.06
CA SER A 154 -13.13 -3.85 4.84
C SER A 154 -12.49 -4.57 6.05
N ALA A 155 -11.50 -3.96 6.67
CA ALA A 155 -10.95 -4.53 7.92
C ALA A 155 -11.99 -4.49 9.06
N TYR A 156 -12.56 -3.30 9.31
CA TYR A 156 -13.62 -3.13 10.34
C TYR A 156 -14.78 -4.13 10.11
N GLN A 157 -15.20 -4.31 8.85
CA GLN A 157 -16.36 -5.13 8.53
C GLN A 157 -16.06 -6.60 8.86
N GLU A 158 -14.88 -7.07 8.48
CA GLU A 158 -14.47 -8.40 8.82
C GLU A 158 -14.45 -8.59 10.35
N ALA A 159 -13.95 -7.59 11.08
CA ALA A 159 -13.91 -7.74 12.52
C ALA A 159 -15.36 -7.73 13.11
N MET A 160 -16.28 -6.94 12.53
CA MET A 160 -17.70 -6.92 12.96
C MET A 160 -18.32 -8.31 12.74
N ASP A 161 -18.02 -8.93 11.60
CA ASP A 161 -18.57 -10.24 11.27
C ASP A 161 -18.16 -11.23 12.34
N ILE A 162 -16.89 -11.25 12.72
CA ILE A 162 -16.42 -12.21 13.70
C ILE A 162 -17.06 -11.93 15.07
N SER A 163 -17.20 -10.67 15.45
CA SER A 163 -17.56 -10.38 16.80
C SER A 163 -19.08 -10.63 17.02
N LYS A 164 -19.89 -10.53 15.97
CA LYS A 164 -21.31 -10.90 16.06
C LYS A 164 -21.46 -12.42 16.18
N LYS A 165 -20.71 -13.19 15.41
CA LYS A 165 -20.70 -14.66 15.53
C LYS A 165 -20.25 -15.12 16.92
N GLU A 166 -19.23 -14.49 17.51
CA GLU A 166 -18.44 -15.20 18.49
C GLU A 166 -18.39 -14.48 19.83
N MET A 167 -18.92 -13.27 19.94
CA MET A 167 -18.84 -12.57 21.24
C MET A 167 -20.22 -12.08 21.65
N PRO A 168 -20.48 -11.92 22.95
CA PRO A 168 -21.73 -11.31 23.39
C PRO A 168 -21.73 -9.80 23.21
N PRO A 169 -22.94 -9.18 23.07
CA PRO A 169 -23.07 -7.76 22.76
C PRO A 169 -22.42 -6.79 23.74
N THR A 170 -22.10 -7.27 24.94
CA THR A 170 -21.53 -6.46 26.04
C THR A 170 -19.99 -6.56 26.12
N ASN A 171 -19.43 -7.56 25.45
CA ASN A 171 -17.98 -7.75 25.32
C ASN A 171 -17.31 -6.41 24.96
N PRO A 172 -16.37 -5.92 25.80
CA PRO A 172 -15.70 -4.65 25.58
C PRO A 172 -14.93 -4.51 24.25
N ILE A 173 -14.40 -5.60 23.73
CA ILE A 173 -13.69 -5.56 22.45
C ILE A 173 -14.72 -5.35 21.34
N ARG A 174 -15.83 -6.08 21.42
CA ARG A 174 -16.88 -5.96 20.43
C ARG A 174 -17.46 -4.54 20.45
N LEU A 175 -17.59 -3.95 21.63
CA LEU A 175 -18.14 -2.64 21.80
C LEU A 175 -17.17 -1.58 21.25
N GLY A 176 -15.89 -1.70 21.61
CA GLY A 176 -14.81 -0.76 21.17
C GLY A 176 -14.67 -0.74 19.65
N LEU A 177 -14.81 -1.93 19.03
CA LEU A 177 -14.78 -2.05 17.59
C LEU A 177 -15.95 -1.24 16.98
N ALA A 178 -17.17 -1.42 17.52
CA ALA A 178 -18.36 -0.73 16.98
C ALA A 178 -18.23 0.77 17.21
N LEU A 179 -17.75 1.19 18.38
CA LEU A 179 -17.52 2.62 18.61
C LEU A 179 -16.59 3.18 17.51
N ASN A 180 -15.49 2.48 17.25
CA ASN A 180 -14.47 3.00 16.31
C ASN A 180 -15.03 2.97 14.88
N PHE A 181 -15.68 1.87 14.47
CA PHE A 181 -16.28 1.81 13.14
C PHE A 181 -17.33 2.90 12.99
N SER A 182 -18.12 3.12 14.06
CA SER A 182 -19.13 4.18 13.97
C SER A 182 -18.39 5.50 13.71
N VAL A 183 -17.26 5.75 14.37
CA VAL A 183 -16.52 7.05 14.18
C VAL A 183 -16.04 7.16 12.72
N PHE A 184 -15.61 6.02 12.17
CA PHE A 184 -15.20 5.93 10.77
C PHE A 184 -16.34 6.38 9.85
N HIS A 185 -17.52 5.77 10.01
CA HIS A 185 -18.72 6.11 9.21
C HIS A 185 -18.94 7.62 9.28
N TYR A 186 -18.91 8.20 10.48
CA TYR A 186 -19.28 9.62 10.57
C TYR A 186 -18.17 10.55 10.07
N GLU A 187 -16.94 10.40 10.59
CA GLU A 187 -15.86 11.37 10.35
C GLU A 187 -15.05 11.07 9.05
N ILE A 188 -15.09 9.87 8.49
CA ILE A 188 -14.19 9.56 7.37
C ILE A 188 -15.00 9.25 6.12
N ALA A 189 -16.00 8.37 6.26
CA ALA A 189 -16.71 7.84 5.13
C ALA A 189 -17.93 8.71 4.76
N ASN A 190 -18.12 9.84 5.41
CA ASN A 190 -19.23 10.69 5.08
C ASN A 190 -20.58 9.94 5.17
N SER A 191 -20.78 9.00 6.11
CA SER A 191 -22.04 8.24 6.24
C SER A 191 -22.61 8.43 7.63
N PRO A 192 -23.16 9.63 7.93
CA PRO A 192 -23.69 9.94 9.26
C PRO A 192 -24.85 9.02 9.66
N GLU A 193 -25.60 8.52 8.67
CA GLU A 193 -26.78 7.70 8.94
C GLU A 193 -26.30 6.37 9.49
N GLU A 194 -25.29 5.80 8.81
CA GLU A 194 -24.74 4.51 9.18
C GLU A 194 -24.05 4.61 10.54
N ALA A 195 -23.39 5.72 10.82
CA ALA A 195 -22.71 5.93 12.10
C ALA A 195 -23.75 5.89 13.24
N ILE A 196 -24.76 6.76 13.16
CA ILE A 196 -25.79 6.89 14.23
C ILE A 196 -26.50 5.54 14.44
N SER A 197 -26.85 4.89 13.34
CA SER A 197 -27.56 3.63 13.39
CA SER A 197 -27.54 3.63 13.35
C SER A 197 -26.71 2.54 14.05
N LEU A 198 -25.41 2.44 13.70
CA LEU A 198 -24.57 1.40 14.28
C LEU A 198 -24.38 1.67 15.80
N ALA A 199 -24.14 2.92 16.16
CA ALA A 199 -23.92 3.28 17.55
C ALA A 199 -25.19 2.99 18.41
N LYS A 200 -26.38 3.23 17.84
CA LYS A 200 -27.67 2.96 18.52
C LYS A 200 -27.90 1.45 18.69
N THR A 201 -27.81 0.70 17.60
CA THR A 201 -27.91 -0.75 17.68
C THR A 201 -26.97 -1.30 18.75
N THR A 202 -25.74 -0.76 18.78
CA THR A 202 -24.69 -1.28 19.62
C THR A 202 -25.05 -1.02 21.08
N PHE A 203 -25.35 0.24 21.36
CA PHE A 203 -25.76 0.67 22.70
C PHE A 203 -26.98 -0.16 23.17
N ASP A 204 -27.98 -0.27 22.31
CA ASP A 204 -29.30 -0.92 22.66
C ASP A 204 -29.08 -2.41 22.92
N GLU A 205 -28.26 -3.09 22.10
CA GLU A 205 -28.10 -4.54 22.26
C GLU A 205 -27.31 -4.85 23.53
N ALA A 206 -26.45 -3.92 23.93
CA ALA A 206 -25.70 -4.10 25.15
C ALA A 206 -26.59 -3.78 26.36
N MET A 207 -27.36 -2.69 26.30
CA MET A 207 -28.33 -2.28 27.38
C MET A 207 -29.18 -3.51 27.77
N ALA A 208 -29.63 -4.28 26.77
CA ALA A 208 -30.43 -5.44 26.96
C ALA A 208 -29.78 -6.45 27.91
N ASP A 209 -28.44 -6.55 27.94
CA ASP A 209 -27.75 -7.60 28.74
C ASP A 209 -27.08 -7.08 30.03
N LEU A 210 -27.11 -5.77 30.30
CA LEU A 210 -26.39 -5.20 31.46
C LEU A 210 -26.88 -5.80 32.80
N HIS A 211 -28.22 -5.97 32.96
CA HIS A 211 -28.86 -6.55 34.20
C HIS A 211 -28.31 -7.97 34.48
N THR A 212 -27.91 -8.69 33.42
CA THR A 212 -27.39 -10.04 33.53
C THR A 212 -25.87 -10.11 33.75
N LEU A 213 -25.18 -8.99 34.02
CA LEU A 213 -23.68 -8.98 34.13
C LEU A 213 -23.23 -8.92 35.60
N SER A 214 -21.98 -9.39 35.83
CA SER A 214 -21.19 -9.13 37.07
C SER A 214 -21.02 -7.61 37.24
N GLU A 215 -20.49 -7.16 38.38
CA GLU A 215 -20.34 -5.72 38.66
C GLU A 215 -19.16 -5.15 37.85
N ASP A 216 -18.16 -5.98 37.55
CA ASP A 216 -16.97 -5.61 36.75
C ASP A 216 -17.37 -5.34 35.29
N SER A 217 -17.85 -6.41 34.65
CA SER A 217 -18.36 -6.39 33.32
C SER A 217 -19.35 -5.23 33.16
N TYR A 218 -20.28 -5.05 34.11
CA TYR A 218 -21.26 -3.91 34.04
C TYR A 218 -20.49 -2.58 33.85
N LYS A 219 -19.40 -2.39 34.62
CA LYS A 219 -18.63 -1.12 34.57
C LYS A 219 -17.86 -0.97 33.23
N ASP A 220 -17.04 -1.97 32.86
CA ASP A 220 -16.27 -2.04 31.57
C ASP A 220 -17.14 -1.65 30.36
N SER A 221 -18.28 -2.34 30.23
CA SER A 221 -19.16 -2.20 29.13
C SER A 221 -19.77 -0.80 29.16
N THR A 222 -20.09 -0.31 30.36
CA THR A 222 -20.96 0.86 30.55
C THR A 222 -20.10 2.10 30.25
N LEU A 223 -18.79 1.97 30.44
CA LEU A 223 -17.80 3.02 30.05
C LEU A 223 -17.82 3.24 28.53
N ILE A 224 -17.77 2.15 27.77
CA ILE A 224 -17.81 2.23 26.31
C ILE A 224 -19.21 2.66 25.84
N MET A 225 -20.25 2.15 26.53
CA MET A 225 -21.63 2.52 26.19
C MET A 225 -21.79 4.01 26.38
N GLN A 226 -21.10 4.57 27.37
CA GLN A 226 -21.20 6.00 27.60
C GLN A 226 -20.54 6.76 26.44
N LEU A 227 -19.38 6.28 25.94
CA LEU A 227 -18.75 6.91 24.71
C LEU A 227 -19.74 6.82 23.52
N LEU A 228 -20.37 5.66 23.33
CA LEU A 228 -21.32 5.52 22.22
C LEU A 228 -22.43 6.58 22.37
N ARG A 229 -22.81 6.85 23.62
CA ARG A 229 -23.94 7.76 23.86
C ARG A 229 -23.48 9.22 23.71
N ASP A 230 -22.29 9.56 24.21
CA ASP A 230 -21.73 10.92 23.98
C ASP A 230 -21.64 11.20 22.47
N ASN A 231 -21.28 10.19 21.66
CA ASN A 231 -21.13 10.44 20.22
C ASN A 231 -22.51 10.69 19.62
N LEU A 232 -23.51 9.88 20.01
CA LEU A 232 -24.93 10.07 19.57
C LEU A 232 -25.45 11.48 19.92
N THR A 233 -25.19 11.95 21.14
CA THR A 233 -25.53 13.33 21.53
C THR A 233 -24.94 14.33 20.53
N LEU A 234 -23.65 14.15 20.26
CA LEU A 234 -22.87 14.97 19.37
C LEU A 234 -23.45 14.93 17.95
N TRP A 235 -23.97 13.79 17.49
CA TRP A 235 -24.31 13.60 16.06
C TRP A 235 -25.81 13.84 15.77
N THR A 236 -26.61 14.00 16.82
CA THR A 236 -28.07 14.15 16.74
C THR A 236 -28.45 15.26 17.73
N ARG B 2 -16.90 19.47 17.44
CA ARG B 2 -16.05 18.67 18.37
C ARG B 2 -15.83 17.27 17.77
N ARG B 3 -14.65 16.70 17.98
CA ARG B 3 -14.30 15.37 17.46
C ARG B 3 -15.07 14.33 18.28
N ALA B 4 -15.63 13.32 17.61
CA ALA B 4 -16.16 12.11 18.24
C ALA B 4 -15.05 11.37 18.98
N ALA B 5 -15.45 10.61 19.99
CA ALA B 5 -14.52 9.87 20.82
C ALA B 5 -14.40 8.46 20.26
N SEP B 6 -13.18 7.92 20.32
CA SEP B 6 -12.90 6.57 19.88
CB SEP B 6 -11.85 6.57 18.71
OG SEP B 6 -10.61 7.14 19.19
C SEP B 6 -12.38 5.86 21.13
O SEP B 6 -12.16 6.51 22.16
P SEP B 6 -9.32 7.17 18.11
O1P SEP B 6 -8.29 7.94 18.89
O2P SEP B 6 -9.89 8.07 17.07
O3P SEP B 6 -9.06 5.78 17.59
N MET B 7 -12.19 4.54 21.02
CA MET B 7 -11.74 3.70 22.12
C MET B 7 -10.45 4.27 22.69
N ASP B 8 -10.41 4.30 24.02
CA ASP B 8 -9.62 5.21 24.87
C ASP B 8 -8.61 6.02 24.05
N GLY C 1 -13.15 12.57 -11.20
CA GLY C 1 -11.78 12.99 -11.61
C GLY C 1 -11.85 14.07 -12.67
N ALA C 2 -10.68 14.59 -13.06
CA ALA C 2 -10.61 15.79 -13.85
C ALA C 2 -11.02 15.50 -15.31
N MET C 3 -11.09 14.23 -15.72
CA MET C 3 -11.43 13.81 -17.08
C MET C 3 -12.85 13.23 -17.08
N GLY C 4 -13.54 13.37 -15.94
CA GLY C 4 -14.86 12.76 -15.73
C GLY C 4 -15.93 13.32 -16.69
N SER C 5 -15.77 14.56 -17.17
CA SER C 5 -16.80 15.14 -18.05
C SER C 5 -16.49 14.87 -19.52
N MET C 6 -15.36 14.21 -19.83
CA MET C 6 -14.97 13.99 -21.21
C MET C 6 -15.34 12.59 -21.66
N GLU C 7 -15.83 12.49 -22.89
CA GLU C 7 -16.21 11.22 -23.52
C GLU C 7 -14.99 10.31 -23.64
N ARG C 8 -15.18 9.02 -23.43
CA ARG C 8 -14.13 8.03 -23.56
C ARG C 8 -13.41 8.15 -24.92
N ALA C 9 -14.15 8.28 -26.04
CA ALA C 9 -13.50 8.21 -27.33
C ALA C 9 -12.67 9.48 -27.51
N SER C 10 -13.13 10.59 -26.96
CA SER C 10 -12.38 11.85 -27.02
C SER C 10 -11.08 11.75 -26.19
N LEU C 11 -11.13 11.05 -25.03
CA LEU C 11 -9.93 10.87 -24.21
C LEU C 11 -8.88 10.08 -24.98
N ILE C 12 -9.29 8.98 -25.62
CA ILE C 12 -8.37 8.16 -26.44
C ILE C 12 -7.80 9.00 -27.60
N GLN C 13 -8.63 9.78 -28.32
CA GLN C 13 -8.11 10.58 -29.37
C GLN C 13 -7.08 11.55 -28.81
N LYS C 14 -7.36 12.16 -27.65
CA LYS C 14 -6.40 13.18 -27.19
C LYS C 14 -5.11 12.53 -26.64
N ALA C 15 -5.20 11.32 -26.12
CA ALA C 15 -4.02 10.55 -25.76
C ALA C 15 -3.14 10.36 -27.01
N LYS C 16 -3.75 10.11 -28.17
CA LYS C 16 -2.95 9.95 -29.38
C LYS C 16 -2.35 11.27 -29.83
N LEU C 17 -3.04 12.39 -29.59
CA LEU C 17 -2.44 13.68 -29.93
C LEU C 17 -1.28 14.00 -28.99
N ALA C 18 -1.45 13.72 -27.70
CA ALA C 18 -0.39 13.97 -26.74
C ALA C 18 0.86 13.13 -27.12
N GLU C 19 0.65 11.89 -27.55
CA GLU C 19 1.73 11.06 -27.99
C GLU C 19 2.47 11.74 -29.15
N GLN C 20 1.75 12.26 -30.14
CA GLN C 20 2.40 12.85 -31.30
C GLN C 20 3.09 14.14 -30.88
N ALA C 21 2.61 14.81 -29.83
CA ALA C 21 3.23 16.06 -29.40
C ALA C 21 4.33 15.82 -28.36
N GLU C 22 4.57 14.54 -28.04
CA GLU C 22 5.49 14.06 -26.99
C GLU C 22 5.15 14.64 -25.61
N ARG C 23 3.87 14.67 -25.28
CA ARG C 23 3.41 15.23 -24.03
C ARG C 23 2.90 14.08 -23.19
N TYR C 24 3.84 13.36 -22.59
CA TYR C 24 3.54 12.01 -22.03
C TYR C 24 2.76 12.09 -20.71
N GLU C 25 2.98 13.16 -19.95
CA GLU C 25 2.17 13.40 -18.75
C GLU C 25 0.72 13.64 -19.16
N ASP C 26 0.47 14.47 -20.19
CA ASP C 26 -0.93 14.67 -20.72
C ASP C 26 -1.47 13.32 -21.20
N MET C 27 -0.63 12.55 -21.92
CA MET C 27 -1.07 11.29 -22.51
C MET C 27 -1.53 10.33 -21.42
N ALA C 28 -0.74 10.25 -20.35
CA ALA C 28 -1.03 9.39 -19.23
C ALA C 28 -2.33 9.84 -18.56
N ALA C 29 -2.48 11.14 -18.35
CA ALA C 29 -3.69 11.66 -17.67
C ALA C 29 -4.96 11.38 -18.49
N PHE C 30 -4.86 11.47 -19.83
CA PHE C 30 -5.98 11.14 -20.70
C PHE C 30 -6.28 9.63 -20.63
N MET C 31 -5.24 8.79 -20.65
CA MET C 31 -5.49 7.30 -20.56
C MET C 31 -6.04 6.92 -19.20
N LYS C 32 -5.61 7.60 -18.12
CA LYS C 32 -6.18 7.35 -16.79
C LYS C 32 -7.69 7.62 -16.83
N GLY C 33 -8.05 8.76 -17.40
CA GLY C 33 -9.45 9.14 -17.65
C GLY C 33 -10.21 8.05 -18.39
N ALA C 34 -9.60 7.53 -19.45
CA ALA C 34 -10.25 6.47 -20.21
C ALA C 34 -10.46 5.22 -19.37
N VAL C 35 -9.40 4.77 -18.69
CA VAL C 35 -9.54 3.61 -17.84
C VAL C 35 -10.67 3.83 -16.82
N GLU C 36 -10.79 5.04 -16.25
CA GLU C 36 -11.77 5.26 -15.19
C GLU C 36 -13.20 5.21 -15.74
N LYS C 37 -13.42 5.11 -17.06
CA LYS C 37 -14.80 4.94 -17.55
C LYS C 37 -15.29 3.54 -17.22
N GLY C 38 -14.38 2.60 -16.96
CA GLY C 38 -14.75 1.30 -16.41
C GLY C 38 -14.96 0.24 -17.47
N GLU C 39 -14.68 0.52 -18.74
CA GLU C 39 -14.72 -0.50 -19.79
C GLU C 39 -13.31 -1.06 -19.98
N GLU C 40 -13.22 -2.28 -20.48
CA GLU C 40 -11.96 -2.91 -20.84
C GLU C 40 -11.23 -2.07 -21.88
N LEU C 41 -9.90 -2.20 -21.90
CA LEU C 41 -9.08 -1.60 -22.93
C LEU C 41 -8.82 -2.63 -24.02
N SER C 42 -8.79 -2.14 -25.26
CA SER C 42 -8.35 -2.93 -26.36
C SER C 42 -6.84 -3.07 -26.27
N CSO C 43 -6.26 -3.85 -27.17
CA CSO C 43 -4.83 -4.04 -27.18
CB CSO C 43 -4.64 -5.20 -28.18
SG CSO C 43 -2.96 -5.71 -28.12
C CSO C 43 -4.12 -2.73 -27.55
O CSO C 43 -3.10 -2.36 -26.97
OD CSO C 43 -2.15 -4.70 -29.26
N GLU C 44 -4.67 -1.97 -28.50
CA GLU C 44 -4.08 -0.69 -28.84
C GLU C 44 -4.16 0.27 -27.61
N GLU C 45 -5.27 0.24 -26.87
CA GLU C 45 -5.47 1.16 -25.76
C GLU C 45 -4.54 0.76 -24.60
N ARG C 46 -4.33 -0.54 -24.39
CA ARG C 46 -3.40 -1.03 -23.36
C ARG C 46 -1.99 -0.50 -23.64
N ASN C 47 -1.60 -0.52 -24.92
CA ASN C 47 -0.28 -0.08 -25.30
C ASN C 47 -0.17 1.42 -25.18
N LEU C 48 -1.23 2.19 -25.44
CA LEU C 48 -1.16 3.66 -25.15
C LEU C 48 -0.94 3.91 -23.64
N LEU C 49 -1.70 3.24 -22.78
CA LEU C 49 -1.53 3.40 -21.34
C LEU C 49 -0.08 3.10 -20.93
N SER C 50 0.47 1.98 -21.42
CA SER C 50 1.80 1.49 -21.05
C SER C 50 2.89 2.46 -21.51
N VAL C 51 2.80 2.92 -22.75
CA VAL C 51 3.74 3.90 -23.30
C VAL C 51 3.72 5.19 -22.49
N ALA C 52 2.53 5.72 -22.22
CA ALA C 52 2.43 7.03 -21.55
C ALA C 52 3.14 6.96 -20.17
N TYR C 53 2.76 5.99 -19.32
CA TYR C 53 3.32 5.88 -17.95
C TYR C 53 4.80 5.44 -17.96
N LYS C 54 5.18 4.53 -18.88
CA LYS C 54 6.61 4.14 -18.99
C LYS C 54 7.50 5.36 -19.29
N ASN C 55 7.04 6.25 -20.16
CA ASN C 55 7.80 7.47 -20.48
C ASN C 55 7.92 8.41 -19.28
N VAL C 56 6.82 8.58 -18.58
CA VAL C 56 6.81 9.46 -17.41
C VAL C 56 7.75 8.87 -16.35
N VAL C 57 7.55 7.62 -15.93
CA VAL C 57 8.31 7.09 -14.83
C VAL C 57 9.75 6.86 -15.31
N GLY C 58 9.92 6.59 -16.61
CA GLY C 58 11.28 6.50 -17.27
C GLY C 58 12.10 7.75 -17.09
N GLY C 59 11.50 8.91 -17.32
CA GLY C 59 12.23 10.18 -17.06
C GLY C 59 12.56 10.39 -15.59
N GLN C 60 11.65 9.99 -14.70
CA GLN C 60 11.90 10.17 -13.30
C GLN C 60 13.00 9.21 -12.82
N ARG C 61 13.00 7.95 -13.28
CA ARG C 61 14.01 6.97 -12.87
C ARG C 61 15.39 7.46 -13.32
N ALA C 62 15.48 8.07 -14.52
CA ALA C 62 16.75 8.52 -15.04
C ALA C 62 17.26 9.69 -14.21
N ALA C 63 16.36 10.61 -13.87
CA ALA C 63 16.77 11.74 -13.04
C ALA C 63 17.22 11.26 -11.66
N TRP C 64 16.46 10.35 -11.05
CA TRP C 64 16.79 9.76 -9.76
C TRP C 64 18.20 9.15 -9.79
N ARG C 65 18.49 8.35 -10.82
CA ARG C 65 19.84 7.77 -11.01
C ARG C 65 20.92 8.88 -11.12
N VAL C 66 20.72 9.90 -11.95
CA VAL C 66 21.72 11.00 -12.05
C VAL C 66 21.96 11.59 -10.64
N LEU C 67 20.87 11.85 -9.91
CA LEU C 67 21.03 12.52 -8.60
C LEU C 67 21.61 11.56 -7.56
N SER C 68 21.21 10.29 -7.55
CA SER C 68 21.74 9.31 -6.61
C SER C 68 23.26 9.19 -6.74
N SER C 69 23.77 9.24 -7.96
CA SER C 69 25.17 9.02 -8.18
C SER C 69 25.94 10.29 -7.80
N ILE C 70 25.39 11.50 -8.03
CA ILE C 70 26.03 12.73 -7.54
C ILE C 70 26.11 12.72 -6.02
N GLU C 71 25.07 12.19 -5.37
CA GLU C 71 24.97 12.11 -3.92
C GLU C 71 26.03 11.11 -3.40
N GLN C 72 26.25 9.98 -4.09
CA GLN C 72 27.17 8.92 -3.63
C GLN C 72 28.59 9.50 -3.59
N LYS C 73 28.97 10.26 -4.63
CA LYS C 73 30.31 10.80 -4.74
C LYS C 73 30.60 11.79 -3.60
N SER C 74 29.61 12.61 -3.21
CA SER C 74 29.84 13.66 -2.21
C SER C 74 29.70 13.12 -0.77
N ASN C 75 29.57 11.79 -0.61
CA ASN C 75 29.71 11.12 0.69
C ASN C 75 31.15 10.55 0.82
N GLU C 76 32.11 11.46 1.07
CA GLU C 76 33.56 11.18 1.04
C GLU C 76 34.33 12.28 1.78
N LYS C 82 29.80 19.94 1.43
CA LYS C 82 28.79 18.92 1.14
C LYS C 82 27.56 19.21 2.01
N GLY C 83 26.63 20.02 1.49
CA GLY C 83 25.38 20.36 2.22
C GLY C 83 24.25 19.37 1.92
N PRO C 84 23.02 19.64 2.38
CA PRO C 84 21.93 18.68 2.15
C PRO C 84 21.21 18.78 0.78
N GLU C 85 21.67 19.65 -0.13
CA GLU C 85 20.82 20.04 -1.33
C GLU C 85 20.59 18.84 -2.26
N VAL C 86 21.63 18.05 -2.49
CA VAL C 86 21.56 16.94 -3.38
C VAL C 86 20.60 15.90 -2.84
N ARG C 87 20.73 15.57 -1.56
CA ARG C 87 19.83 14.61 -0.96
C ARG C 87 18.39 15.15 -1.00
N GLU C 88 18.18 16.42 -0.71
CA GLU C 88 16.82 16.95 -0.64
C GLU C 88 16.15 16.82 -2.03
N TYR C 89 16.90 17.17 -3.08
CA TYR C 89 16.38 17.14 -4.45
C TYR C 89 16.17 15.71 -4.90
N ARG C 90 17.08 14.81 -4.53
CA ARG C 90 16.90 13.38 -4.86
C ARG C 90 15.62 12.87 -4.21
N GLU C 91 15.36 13.28 -2.97
CA GLU C 91 14.14 12.89 -2.22
C GLU C 91 12.88 13.45 -2.92
N LYS C 92 12.96 14.67 -3.43
CA LYS C 92 11.81 15.26 -4.12
C LYS C 92 11.46 14.44 -5.37
N VAL C 93 12.48 14.16 -6.17
CA VAL C 93 12.27 13.33 -7.40
C VAL C 93 11.73 11.95 -7.03
N GLU C 94 12.26 11.40 -5.95
CA GLU C 94 11.90 10.09 -5.54
C GLU C 94 10.42 10.04 -5.20
N THR C 95 9.98 11.03 -4.43
CA THR C 95 8.61 11.16 -4.01
C THR C 95 7.69 11.31 -5.22
N GLU C 96 8.08 12.07 -6.25
CA GLU C 96 7.24 12.15 -7.46
C GLU C 96 7.12 10.78 -8.14
N LEU C 97 8.25 10.05 -8.19
CA LEU C 97 8.32 8.77 -8.85
C LEU C 97 7.41 7.79 -8.11
N GLN C 98 7.47 7.77 -6.78
CA GLN C 98 6.54 6.90 -6.02
C GLN C 98 5.08 7.26 -6.32
N GLY C 99 4.75 8.54 -6.44
CA GLY C 99 3.35 8.99 -6.77
C GLY C 99 2.83 8.40 -8.09
N VAL C 100 3.70 8.40 -9.09
CA VAL C 100 3.35 7.87 -10.39
C VAL C 100 3.17 6.35 -10.28
N CYS C 101 4.10 5.67 -9.60
CA CYS C 101 3.91 4.20 -9.50
C CYS C 101 2.65 3.87 -8.71
N ASP C 102 2.36 4.64 -7.65
CA ASP C 102 1.15 4.39 -6.88
C ASP C 102 -0.09 4.66 -7.76
N THR C 103 -0.03 5.68 -8.60
CA THR C 103 -1.15 5.91 -9.55
C THR C 103 -1.36 4.67 -10.46
N VAL C 104 -0.28 4.16 -11.07
CA VAL C 104 -0.41 3.04 -12.01
C VAL C 104 -0.91 1.80 -11.26
N LEU C 105 -0.29 1.51 -10.11
CA LEU C 105 -0.69 0.34 -9.32
C LEU C 105 -2.14 0.47 -8.86
N GLY C 106 -2.57 1.70 -8.55
CA GLY C 106 -3.96 1.96 -8.23
C GLY C 106 -4.89 1.63 -9.39
N LEU C 107 -4.52 2.04 -10.61
CA LEU C 107 -5.35 1.76 -11.79
C LEU C 107 -5.43 0.25 -12.05
N LEU C 108 -4.30 -0.45 -11.93
CA LEU C 108 -4.29 -1.91 -12.19
C LEU C 108 -5.20 -2.61 -11.20
N ASP C 109 -5.07 -2.28 -9.90
CA ASP C 109 -5.87 -3.00 -8.82
C ASP C 109 -7.34 -2.54 -8.88
N SER C 110 -7.62 -1.24 -9.11
CA SER C 110 -9.03 -0.78 -9.05
C SER C 110 -9.76 -1.12 -10.36
N HIS C 111 -9.10 -1.18 -11.53
CA HIS C 111 -9.86 -1.27 -12.78
C HIS C 111 -9.49 -2.40 -13.74
N LEU C 112 -8.20 -2.70 -13.87
CA LEU C 112 -7.69 -3.43 -15.04
C LEU C 112 -7.46 -4.92 -14.79
N ILE C 113 -6.96 -5.30 -13.61
CA ILE C 113 -6.68 -6.68 -13.33
C ILE C 113 -8.01 -7.36 -12.97
N LYS C 114 -8.38 -8.38 -13.74
CA LYS C 114 -9.64 -9.11 -13.56
C LYS C 114 -9.33 -10.61 -13.69
N GLU C 115 -10.29 -11.44 -13.26
CA GLU C 115 -10.24 -12.91 -13.47
C GLU C 115 -10.69 -13.26 -14.91
N ALA C 116 -11.54 -12.42 -15.50
CA ALA C 116 -11.98 -12.53 -16.90
C ALA C 116 -10.93 -12.01 -17.88
N GLY C 117 -11.27 -12.00 -19.17
CA GLY C 117 -10.42 -11.48 -20.26
C GLY C 117 -9.46 -12.55 -20.76
N ASP C 118 -8.90 -12.31 -21.96
CA ASP C 118 -7.96 -13.24 -22.56
C ASP C 118 -6.69 -13.31 -21.68
N ALA C 119 -5.83 -14.29 -21.97
CA ALA C 119 -4.60 -14.57 -21.25
C ALA C 119 -3.59 -13.46 -21.48
N GLU C 120 -3.55 -12.95 -22.71
CA GLU C 120 -2.74 -11.84 -23.15
C GLU C 120 -2.96 -10.61 -22.25
N SER C 121 -4.22 -10.26 -22.02
CA SER C 121 -4.55 -9.07 -21.29
C SER C 121 -4.23 -9.28 -19.79
N ARG C 122 -4.52 -10.45 -19.25
CA ARG C 122 -4.28 -10.71 -17.85
C ARG C 122 -2.77 -10.74 -17.58
N VAL C 123 -1.99 -11.31 -18.47
CA VAL C 123 -0.53 -11.32 -18.33
C VAL C 123 0.00 -9.88 -18.48
N PHE C 124 -0.51 -9.12 -19.46
CA PHE C 124 -0.04 -7.76 -19.71
C PHE C 124 -0.11 -6.93 -18.41
N TYR C 125 -1.26 -7.02 -17.72
CA TYR C 125 -1.52 -6.22 -16.53
C TYR C 125 -0.77 -6.78 -15.29
N LEU C 126 -0.63 -8.10 -15.16
CA LEU C 126 0.14 -8.63 -14.06
C LEU C 126 1.63 -8.32 -14.21
N LYS C 127 2.14 -8.32 -15.43
CA LYS C 127 3.48 -7.97 -15.69
C LYS C 127 3.72 -6.49 -15.33
N MET C 128 2.77 -5.63 -15.73
CA MET C 128 2.92 -4.17 -15.45
C MET C 128 2.89 -3.95 -13.93
N LYS C 129 2.08 -4.72 -13.20
CA LYS C 129 2.09 -4.66 -11.76
C LYS C 129 3.49 -4.98 -11.19
N GLY C 130 4.05 -6.08 -11.67
CA GLY C 130 5.43 -6.45 -11.32
C GLY C 130 6.42 -5.36 -11.59
N ASP C 131 6.34 -4.78 -12.79
CA ASP C 131 7.25 -3.68 -13.20
C ASP C 131 7.15 -2.48 -12.24
N TYR C 132 5.93 -2.02 -11.93
CA TYR C 132 5.77 -0.76 -11.16
C TYR C 132 6.16 -1.04 -9.70
N TYR C 133 5.93 -2.25 -9.18
CA TYR C 133 6.52 -2.58 -7.86
C TYR C 133 8.05 -2.60 -7.96
N ARG C 134 8.60 -3.08 -9.09
CA ARG C 134 10.04 -3.12 -9.21
C ARG C 134 10.61 -1.70 -9.19
N TYR C 135 9.97 -0.75 -9.89
CA TYR C 135 10.47 0.64 -9.88
C TYR C 135 10.41 1.19 -8.45
N LEU C 136 9.39 0.81 -7.69
CA LEU C 136 9.31 1.26 -6.29
C LEU C 136 10.46 0.62 -5.50
N ALA C 137 10.73 -0.66 -5.78
CA ALA C 137 11.80 -1.36 -5.06
C ALA C 137 13.15 -0.73 -5.32
N GLU C 138 13.37 -0.18 -6.52
CA GLU C 138 14.65 0.47 -6.87
C GLU C 138 14.97 1.61 -5.90
N VAL C 139 13.95 2.29 -5.34
CA VAL C 139 14.23 3.43 -4.50
C VAL C 139 13.86 3.15 -3.02
N ALA C 140 13.28 1.98 -2.69
CA ALA C 140 12.79 1.71 -1.35
C ALA C 140 13.95 1.29 -0.42
N THR C 141 13.72 1.34 0.90
CA THR C 141 14.62 0.68 1.90
C THR C 141 13.83 -0.10 2.96
N GLY C 142 14.55 -0.94 3.71
CA GLY C 142 14.05 -1.40 4.98
C GLY C 142 12.91 -2.37 4.81
N ASP C 143 11.97 -2.32 5.75
CA ASP C 143 10.81 -3.21 5.78
C ASP C 143 9.91 -2.96 4.56
N ASP C 144 9.81 -1.69 4.15
CA ASP C 144 9.04 -1.26 2.99
C ASP C 144 9.56 -2.00 1.74
N LYS C 145 10.87 -2.04 1.56
CA LYS C 145 11.44 -2.70 0.35
C LYS C 145 11.10 -4.19 0.35
N LYS C 146 11.16 -4.82 1.54
CA LYS C 146 10.87 -6.25 1.58
C LYS C 146 9.43 -6.52 1.20
N ARG C 147 8.48 -5.74 1.76
CA ARG C 147 7.05 -5.87 1.33
C ARG C 147 6.94 -5.66 -0.20
N ILE C 148 7.68 -4.69 -0.74
CA ILE C 148 7.57 -4.35 -2.18
C ILE C 148 8.10 -5.48 -3.04
N ILE C 149 9.19 -6.12 -2.58
CA ILE C 149 9.81 -7.18 -3.33
C ILE C 149 8.85 -8.36 -3.35
N ASP C 150 8.23 -8.64 -2.20
CA ASP C 150 7.23 -9.74 -2.16
C ASP C 150 6.04 -9.51 -3.09
N SER C 151 5.57 -8.26 -3.17
CA SER C 151 4.46 -7.92 -4.06
C SER C 151 4.92 -8.06 -5.54
N ALA C 152 6.12 -7.59 -5.86
CA ALA C 152 6.58 -7.68 -7.24
C ALA C 152 6.64 -9.16 -7.64
N ARG C 153 7.24 -9.99 -6.76
CA ARG C 153 7.42 -11.40 -7.06
C ARG C 153 6.07 -12.07 -7.25
N SER C 154 5.08 -11.83 -6.37
CA SER C 154 3.80 -12.52 -6.56
C SER C 154 3.14 -12.11 -7.87
N ALA C 155 3.21 -10.82 -8.23
CA ALA C 155 2.60 -10.43 -9.56
C ALA C 155 3.32 -11.12 -10.74
N TYR C 156 4.65 -11.00 -10.81
CA TYR C 156 5.41 -11.66 -11.92
C TYR C 156 5.15 -13.18 -11.97
N GLN C 157 5.15 -13.84 -10.82
CA GLN C 157 4.98 -15.31 -10.78
C GLN C 157 3.57 -15.68 -11.28
N GLU C 158 2.55 -14.93 -10.88
CA GLU C 158 1.22 -15.22 -11.38
C GLU C 158 1.16 -15.02 -12.90
N ALA C 159 1.86 -14.00 -13.41
CA ALA C 159 1.88 -13.76 -14.85
C ALA C 159 2.63 -14.89 -15.60
N MET C 160 3.74 -15.37 -15.02
CA MET C 160 4.54 -16.49 -15.52
C MET C 160 3.65 -17.75 -15.60
N ASP C 161 2.93 -18.04 -14.52
CA ASP C 161 2.06 -19.24 -14.49
C ASP C 161 1.07 -19.18 -15.65
N ILE C 162 0.44 -18.02 -15.87
CA ILE C 162 -0.51 -17.94 -16.95
C ILE C 162 0.22 -18.02 -18.30
N SER C 163 1.37 -17.37 -18.46
CA SER C 163 1.94 -17.26 -19.79
C SER C 163 2.41 -18.65 -20.28
N LYS C 164 2.94 -19.45 -19.35
CA LYS C 164 3.57 -20.75 -19.68
C LYS C 164 2.50 -21.75 -20.10
N LYS C 165 1.30 -21.61 -19.56
CA LYS C 165 0.22 -22.51 -19.83
C LYS C 165 -0.70 -22.00 -20.96
N GLU C 166 -0.62 -20.74 -21.40
CA GLU C 166 -1.64 -20.28 -22.38
C GLU C 166 -1.02 -19.51 -23.54
N MET C 167 0.29 -19.33 -23.54
CA MET C 167 0.91 -18.58 -24.64
C MET C 167 2.10 -19.37 -25.19
N PRO C 168 2.38 -19.21 -26.51
CA PRO C 168 3.53 -19.87 -27.11
C PRO C 168 4.83 -19.21 -26.63
N PRO C 169 5.97 -19.94 -26.64
CA PRO C 169 7.20 -19.46 -26.02
C PRO C 169 7.94 -18.33 -26.75
N THR C 170 7.43 -17.98 -27.94
CA THR C 170 7.94 -16.85 -28.76
C THR C 170 7.01 -15.63 -28.72
N ASN C 171 5.87 -15.76 -28.05
CA ASN C 171 4.94 -14.59 -27.84
C ASN C 171 5.73 -13.46 -27.18
N PRO C 172 5.78 -12.24 -27.77
CA PRO C 172 6.63 -11.17 -27.23
C PRO C 172 6.31 -10.67 -25.81
N ILE C 173 5.07 -10.88 -25.36
CA ILE C 173 4.63 -10.48 -24.04
C ILE C 173 5.13 -11.54 -23.04
N ARG C 174 5.00 -12.85 -23.36
CA ARG C 174 5.58 -13.92 -22.53
C ARG C 174 7.10 -13.73 -22.39
N LEU C 175 7.75 -13.37 -23.49
CA LEU C 175 9.20 -13.13 -23.53
C LEU C 175 9.58 -11.92 -22.67
N GLY C 176 8.84 -10.82 -22.87
CA GLY C 176 9.10 -9.52 -22.19
C GLY C 176 8.92 -9.65 -20.68
N LEU C 177 7.91 -10.43 -20.30
CA LEU C 177 7.63 -10.78 -18.93
C LEU C 177 8.80 -11.55 -18.30
N ALA C 178 9.24 -12.62 -18.96
CA ALA C 178 10.42 -13.38 -18.49
C ALA C 178 11.65 -12.49 -18.40
N LEU C 179 11.89 -11.70 -19.43
CA LEU C 179 13.01 -10.78 -19.38
C LEU C 179 12.95 -9.92 -18.10
N ASN C 180 11.79 -9.27 -17.89
CA ASN C 180 11.60 -8.30 -16.76
C ASN C 180 11.77 -9.03 -15.41
N PHE C 181 11.20 -10.23 -15.30
CA PHE C 181 11.30 -11.00 -14.10
C PHE C 181 12.74 -11.43 -13.84
N SER C 182 13.53 -11.72 -14.89
CA SER C 182 14.94 -12.08 -14.69
C SER C 182 15.67 -10.85 -14.15
N VAL C 183 15.32 -9.65 -14.65
CA VAL C 183 16.00 -8.42 -14.18
C VAL C 183 15.67 -8.19 -12.70
N PHE C 184 14.43 -8.45 -12.33
CA PHE C 184 13.98 -8.40 -10.94
C PHE C 184 14.87 -9.34 -10.08
N HIS C 185 14.95 -10.61 -10.48
CA HIS C 185 15.82 -11.59 -9.78
C HIS C 185 17.23 -11.02 -9.58
N TYR C 186 17.81 -10.48 -10.64
CA TYR C 186 19.19 -10.11 -10.55
C TYR C 186 19.38 -8.81 -9.76
N GLU C 187 18.68 -7.74 -10.16
CA GLU C 187 19.00 -6.41 -9.67
C GLU C 187 18.24 -6.08 -8.39
N ILE C 188 17.13 -6.77 -8.10
CA ILE C 188 16.30 -6.34 -6.99
C ILE C 188 16.36 -7.38 -5.88
N ALA C 189 16.09 -8.65 -6.23
CA ALA C 189 15.91 -9.71 -5.28
C ALA C 189 17.23 -10.40 -4.93
N ASN C 190 18.36 -9.89 -5.39
CA ASN C 190 19.64 -10.48 -5.13
C ASN C 190 19.62 -12.01 -5.31
N SER C 191 19.05 -12.50 -6.42
CA SER C 191 19.04 -13.93 -6.80
C SER C 191 19.62 -14.09 -8.18
N PRO C 192 20.96 -13.92 -8.35
CA PRO C 192 21.58 -13.96 -9.67
C PRO C 192 21.38 -15.29 -10.41
N GLU C 193 21.19 -16.39 -9.66
CA GLU C 193 21.18 -17.74 -10.25
C GLU C 193 19.80 -18.02 -10.84
N GLU C 194 18.76 -17.61 -10.09
CA GLU C 194 17.40 -17.54 -10.60
C GLU C 194 17.31 -16.71 -11.89
N ALA C 195 17.97 -15.55 -11.89
CA ALA C 195 17.92 -14.64 -13.00
C ALA C 195 18.49 -15.34 -14.23
N ILE C 196 19.71 -15.88 -14.06
CA ILE C 196 20.46 -16.52 -15.17
C ILE C 196 19.71 -17.77 -15.66
N SER C 197 19.19 -18.57 -14.74
CA SER C 197 18.42 -19.76 -15.10
CA SER C 197 18.43 -19.76 -15.10
C SER C 197 17.17 -19.40 -15.91
N LEU C 198 16.44 -18.36 -15.46
CA LEU C 198 15.18 -18.00 -16.17
C LEU C 198 15.51 -17.42 -17.55
N ALA C 199 16.55 -16.58 -17.64
CA ALA C 199 16.88 -15.99 -18.91
C ALA C 199 17.31 -17.06 -19.96
N LYS C 200 18.14 -18.03 -19.53
CA LYS C 200 18.66 -19.16 -20.42
C LYS C 200 17.51 -20.01 -20.91
N THR C 201 16.73 -20.52 -19.95
CA THR C 201 15.58 -21.35 -20.24
C THR C 201 14.63 -20.64 -21.21
N THR C 202 14.40 -19.35 -20.96
CA THR C 202 13.48 -18.58 -21.81
C THR C 202 14.05 -18.46 -23.24
N PHE C 203 15.33 -18.07 -23.32
CA PHE C 203 16.01 -18.00 -24.61
C PHE C 203 15.94 -19.38 -25.32
N ASP C 204 16.34 -20.45 -24.62
CA ASP C 204 16.43 -21.79 -25.22
C ASP C 204 15.07 -22.22 -25.72
N GLU C 205 14.02 -22.04 -24.92
CA GLU C 205 12.67 -22.52 -25.32
C GLU C 205 12.07 -21.72 -26.47
N ALA C 206 12.62 -20.54 -26.79
CA ALA C 206 12.12 -19.77 -27.90
C ALA C 206 12.81 -20.15 -29.21
N MET C 207 13.93 -20.89 -29.14
CA MET C 207 14.74 -21.19 -30.33
C MET C 207 13.96 -22.11 -31.28
N ALA C 208 13.26 -23.11 -30.75
CA ALA C 208 12.46 -24.05 -31.55
C ALA C 208 11.74 -23.31 -32.70
N ASP C 209 11.15 -22.14 -32.37
CA ASP C 209 10.21 -21.52 -33.25
C ASP C 209 10.80 -20.26 -33.91
N LEU C 210 12.10 -19.99 -33.72
CA LEU C 210 12.81 -18.71 -34.12
C LEU C 210 12.55 -18.28 -35.59
N HIS C 211 12.38 -19.29 -36.47
CA HIS C 211 12.22 -19.13 -37.95
C HIS C 211 10.78 -18.75 -38.36
N THR C 212 9.78 -18.94 -37.48
CA THR C 212 8.30 -18.91 -37.82
C THR C 212 7.54 -17.68 -37.25
N LEU C 213 8.24 -16.60 -36.85
CA LEU C 213 7.62 -15.33 -36.29
C LEU C 213 6.79 -14.61 -37.37
N SER C 214 5.75 -13.90 -36.91
CA SER C 214 4.91 -13.09 -37.79
C SER C 214 5.58 -11.73 -38.02
N GLU C 215 5.09 -11.04 -39.06
CA GLU C 215 5.55 -9.73 -39.48
C GLU C 215 5.44 -8.72 -38.32
N ASP C 216 4.54 -9.00 -37.35
CA ASP C 216 4.29 -8.17 -36.15
C ASP C 216 5.30 -8.50 -35.03
N SER C 217 5.42 -9.79 -34.69
CA SER C 217 6.18 -10.18 -33.50
C SER C 217 7.70 -10.16 -33.78
N TYR C 218 8.17 -10.39 -35.03
CA TYR C 218 9.60 -10.84 -35.25
C TYR C 218 10.59 -9.78 -34.74
N LYS C 219 10.39 -8.50 -35.03
CA LYS C 219 11.33 -7.45 -34.51
C LYS C 219 11.32 -7.42 -32.97
N ASP C 220 10.11 -7.53 -32.36
CA ASP C 220 9.95 -7.52 -30.87
C ASP C 220 10.44 -8.85 -30.27
N SER C 221 9.91 -9.99 -30.78
CA SER C 221 10.36 -11.31 -30.41
C SER C 221 11.90 -11.41 -30.42
N THR C 222 12.54 -10.99 -31.52
CA THR C 222 13.97 -11.28 -31.69
C THR C 222 14.75 -10.23 -30.95
N LEU C 223 14.17 -9.02 -30.85
CA LEU C 223 14.86 -8.01 -30.02
C LEU C 223 14.90 -8.52 -28.57
N ILE C 224 13.79 -9.11 -28.09
CA ILE C 224 13.76 -9.52 -26.69
C ILE C 224 14.70 -10.73 -26.48
N MET C 225 14.69 -11.66 -27.45
CA MET C 225 15.60 -12.81 -27.43
C MET C 225 17.04 -12.28 -27.29
N GLN C 226 17.39 -11.24 -28.05
CA GLN C 226 18.72 -10.68 -27.95
C GLN C 226 18.98 -10.02 -26.59
N LEU C 227 17.94 -9.34 -26.04
CA LEU C 227 18.09 -8.64 -24.73
C LEU C 227 18.39 -9.71 -23.67
N LEU C 228 17.72 -10.87 -23.77
CA LEU C 228 18.03 -11.96 -22.84
C LEU C 228 19.53 -12.31 -22.91
N ARG C 229 20.10 -12.32 -24.12
CA ARG C 229 21.52 -12.73 -24.31
C ARG C 229 22.44 -11.64 -23.75
N ASP C 230 22.08 -10.40 -24.08
CA ASP C 230 22.84 -9.24 -23.61
C ASP C 230 22.93 -9.23 -22.09
N ASN C 231 21.82 -9.57 -21.43
CA ASN C 231 21.82 -9.59 -19.99
C ASN C 231 22.70 -10.77 -19.51
N LEU C 232 22.55 -11.95 -20.14
CA LEU C 232 23.29 -13.18 -19.76
C LEU C 232 24.79 -12.91 -19.87
N THR C 233 25.21 -12.25 -20.94
CA THR C 233 26.59 -11.78 -21.08
C THR C 233 27.00 -10.92 -19.88
N LEU C 234 26.22 -9.89 -19.62
CA LEU C 234 26.45 -8.95 -18.56
C LEU C 234 26.64 -9.63 -17.21
N TRP C 235 25.89 -10.71 -16.99
CA TRP C 235 25.74 -11.32 -15.66
C TRP C 235 26.66 -12.52 -15.44
N THR C 236 27.34 -12.97 -16.50
CA THR C 236 28.21 -14.15 -16.47
C THR C 236 29.56 -13.64 -16.97
N ARG D 2 27.04 -1.54 -15.21
CA ARG D 2 25.98 -1.36 -16.26
C ARG D 2 24.70 -2.11 -15.84
N ARG D 3 23.55 -1.44 -15.99
CA ARG D 3 22.24 -1.98 -15.64
C ARG D 3 21.79 -2.89 -16.79
N ALA D 4 21.09 -3.98 -16.46
CA ALA D 4 20.46 -4.87 -17.40
C ALA D 4 19.34 -4.16 -18.13
N ALA D 5 19.03 -4.67 -19.33
CA ALA D 5 17.96 -4.20 -20.14
C ALA D 5 16.65 -4.90 -19.75
N SEP D 6 15.57 -4.11 -19.77
CA SEP D 6 14.22 -4.60 -19.62
CB SEP D 6 13.47 -3.86 -18.44
OG SEP D 6 13.44 -2.40 -18.61
C SEP D 6 13.49 -4.33 -20.93
O SEP D 6 13.99 -3.64 -21.80
P SEP D 6 12.79 -1.51 -17.42
O1P SEP D 6 11.41 -2.11 -17.12
O2P SEP D 6 12.87 -0.09 -17.97
O3P SEP D 6 13.68 -1.70 -16.18
N MET D 7 12.27 -4.84 -21.06
CA MET D 7 11.46 -4.60 -22.26
C MET D 7 11.27 -3.10 -22.57
N ASP D 8 11.31 -2.75 -23.88
CA ASP D 8 10.97 -1.38 -24.36
C ASP D 8 9.48 -1.33 -24.74
N ASN D 9 8.95 -0.10 -24.97
CA ASN D 9 7.52 0.24 -25.45
C ASN D 9 6.56 0.45 -24.26
C1 GOL E . 11.79 34.84 1.99
O1 GOL E . 13.22 34.57 1.97
C2 GOL E . 11.11 34.41 3.31
O2 GOL E . 10.41 35.55 3.92
C3 GOL E . 10.25 33.12 3.08
O3 GOL E . 8.95 32.82 3.68
C1 B3P F . 3.42 6.34 0.16
C2 B3P F . 2.23 7.14 0.82
C3 B3P F . 4.28 5.24 0.90
N1 B3P F . 5.36 4.45 0.18
C4 B3P F . 5.11 3.61 -1.03
C5 B3P F . 5.28 4.38 -2.36
C6 B3P F . 6.06 2.41 -1.10
C7 B3P F . 3.65 3.13 -0.97
N2 B3P F . 0.97 6.42 1.02
C8 B3P F . 0.37 6.03 2.34
C9 B3P F . -1.13 6.18 2.07
C10 B3P F . 0.99 6.82 3.45
C11 B3P F . 0.46 4.59 2.97
O1 B3P F . -1.35 5.01 1.18
O2 B3P F . 2.34 6.33 3.63
O3 B3P F . 0.87 3.58 2.08
O4 B3P F . 4.68 5.70 -2.31
O5 B3P F . 5.31 1.27 -0.54
O6 B3P F . 3.25 2.49 -2.20
C1 GOL G . 3.18 27.93 -0.40
O1 GOL G . 4.03 28.72 -1.20
C2 GOL G . 2.53 28.91 0.58
O2 GOL G . 2.20 30.19 -0.03
C3 GOL G . 1.33 28.21 1.23
O3 GOL G . 1.52 26.80 1.21
#